data_4WTE
#
_entry.id   4WTE
#
_cell.length_a   141.640
_cell.length_b   141.640
_cell.length_c   91.540
_cell.angle_alpha   90.000
_cell.angle_beta   90.000
_cell.angle_gamma   120.000
#
_symmetry.space_group_name_H-M   'P 65'
#
loop_
_entity.id
_entity.type
_entity.pdbx_description
1 polymer 'RNA PRIMER TEMPLATE ACAAAUUU'
2 polymer 'RNA-directed RNA polymerase'
3 non-polymer 'MANGANESE (II) ION'
4 non-polymer 'CHLORIDE ION'
5 non-polymer "GUANOSINE-5'-DIPHOSPHATE"
6 water water
#
loop_
_entity_poly.entity_id
_entity_poly.type
_entity_poly.pdbx_seq_one_letter_code
_entity_poly.pdbx_strand_id
1 'polyribonucleotide' ACAAAUUU T,P
2 'polypeptide(L)'
;MSSMSYSWTGALITPCGPEEEKLPINPLSNSLLRYHNKVYCTTSKSASQRAKKVTFDRTQVLDAHYDSVLKDIKLAASKV
SARLLTLQQACQLTPPHSARSKYGFGAKEVRSLSGRAVNHIKSVWKDLLEDPQTPIPTTIMAKNEVFCVDPAKGGKKPAR
LIVYPDLGVRVCEKMALYDITQKLPQAVMGASYGFQYSPAQRVEYLLKAWAEKKDPMGFSYDTRHFDSTVTERDIRTEES
IYQACSLPEEARTAIHSLTERLYVGGPMFNSKGQTCGYRRCRASGVLTTSMGNTITCYVKALAACKAAGIVAPTMLVCGD
DLIVISESQGTEEDERNLRAFTEAMTRYSAPPGDPPRPEYDLELITSCSSNVSVALGPRGRRRYYLTRDPTTPLARAAWE
TVRHSPINSWLGNIIQYAPTIWVRMVLMTHFFSILMVQDTLDQNLGGVNPLDLPAIIERLHGLDAFSMHTYSHHELTRVA
SALRKLGAPPLRVWKSRARAVRASLISRGGKAAVCGRYLFNWAVKTKLKLTPLPEARLLDLSSWFTVGAGGGDIFHSVSR
ARPRLEHHHHHH
;
A
#
loop_
_chem_comp.id
_chem_comp.type
_chem_comp.name
_chem_comp.formula
A RNA linking ADENOSINE-5'-MONOPHOSPHATE 'C10 H14 N5 O7 P'
C RNA linking CYTIDINE-5'-MONOPHOSPHATE 'C9 H14 N3 O8 P'
CL non-polymer 'CHLORIDE ION' 'Cl -1'
GDP RNA linking GUANOSINE-5'-DIPHOSPHATE 'C10 H15 N5 O11 P2'
MN non-polymer 'MANGANESE (II) ION' 'Mn 2'
U RNA linking URIDINE-5'-MONOPHOSPHATE 'C9 H13 N2 O9 P'
#
# COMPACT_ATOMS: atom_id res chain seq x y z
N SER C 2 20.15 -6.37 -21.67
CA SER C 2 19.65 -5.56 -22.83
C SER C 2 19.30 -4.10 -22.43
N SER C 3 18.12 -3.91 -21.85
CA SER C 3 17.54 -2.57 -21.69
C SER C 3 17.92 -1.91 -20.37
N MET C 4 18.27 -0.64 -20.47
CA MET C 4 18.51 0.21 -19.30
C MET C 4 17.15 0.74 -18.78
N SER C 5 16.93 0.74 -17.46
CA SER C 5 15.65 1.21 -16.89
C SER C 5 15.42 2.73 -17.06
N TYR C 6 16.47 3.51 -16.93
CA TYR C 6 16.36 4.95 -17.10
C TYR C 6 17.63 5.53 -17.73
N SER C 7 17.53 6.76 -18.23
CA SER C 7 18.65 7.56 -18.77
C SER C 7 18.37 8.99 -18.38
N TRP C 8 19.41 9.75 -18.05
CA TRP C 8 19.19 11.07 -17.44
C TRP C 8 19.87 12.22 -18.16
N THR C 9 19.09 13.20 -18.57
CA THR C 9 19.65 14.43 -19.10
C THR C 9 20.65 15.09 -18.16
N GLY C 10 20.44 14.97 -16.87
CA GLY C 10 21.27 15.68 -15.91
C GLY C 10 20.44 16.77 -15.27
N ALA C 11 19.30 17.11 -15.87
CA ALA C 11 18.38 18.08 -15.27
C ALA C 11 17.86 17.59 -13.92
N LEU C 12 17.74 18.50 -12.95
CA LEU C 12 17.24 18.14 -11.61
C LEU C 12 15.76 17.71 -11.59
N ILE C 13 15.42 16.91 -10.57
CA ILE C 13 14.03 16.54 -10.32
C ILE C 13 13.41 17.53 -9.34
N THR C 14 12.75 18.52 -9.91
CA THR C 14 12.29 19.67 -9.18
C THR C 14 11.05 19.38 -8.34
N PRO C 15 10.86 20.15 -7.25
CA PRO C 15 9.67 20.07 -6.41
C PRO C 15 8.41 20.60 -7.09
N CYS C 16 7.24 20.05 -6.76
CA CYS C 16 5.96 20.48 -7.35
C CYS C 16 5.23 21.36 -6.33
N GLY C 17 5.95 22.29 -5.71
CA GLY C 17 5.44 23.02 -4.54
C GLY C 17 6.49 23.12 -3.42
N PRO C 18 6.06 23.57 -2.23
CA PRO C 18 6.99 23.74 -1.12
C PRO C 18 6.90 22.55 -0.17
N GLU C 19 8.05 22.06 0.27
CA GLU C 19 8.14 20.93 1.20
C GLU C 19 8.54 21.45 2.59
N GLU C 20 7.61 21.36 3.55
CA GLU C 20 7.75 22.06 4.82
C GLU C 20 8.59 21.30 5.83
N GLU C 21 9.14 22.07 6.78
CA GLU C 21 9.96 21.56 7.87
C GLU C 21 9.08 21.58 9.10
N LYS C 22 9.43 20.79 10.11
CA LYS C 22 8.75 20.92 11.40
C LYS C 22 9.14 22.24 12.01
N LEU C 23 8.42 22.60 13.06
CA LEU C 23 8.67 23.84 13.77
C LEU C 23 9.30 23.52 15.09
N PRO C 24 9.87 24.53 15.74
CA PRO C 24 10.54 24.31 17.01
C PRO C 24 9.62 23.80 18.13
N ILE C 25 8.32 24.01 18.01
CA ILE C 25 7.38 23.38 18.93
C ILE C 25 6.35 22.61 18.16
N ASN C 26 6.02 21.41 18.64
CA ASN C 26 5.01 20.51 18.09
C ASN C 26 3.94 20.31 19.13
N PRO C 27 2.94 21.20 19.14
CA PRO C 27 2.05 21.21 20.29
C PRO C 27 1.17 19.96 20.37
N LEU C 28 0.75 19.45 19.22
CA LEU C 28 -0.12 18.28 19.21
C LEU C 28 0.58 17.00 19.61
N SER C 29 1.88 16.88 19.30
CA SER C 29 2.61 15.63 19.50
C SER C 29 3.84 15.67 20.40
N ASN C 30 4.14 16.81 21.03
CA ASN C 30 5.28 16.84 21.94
C ASN C 30 5.03 16.13 23.26
N SER C 31 3.78 15.72 23.52
CA SER C 31 3.47 14.83 24.63
C SER C 31 3.38 13.36 24.21
N LEU C 32 3.26 13.12 22.91
CA LEU C 32 3.30 11.76 22.37
C LEU C 32 4.71 11.22 22.34
N LEU C 33 5.65 12.05 21.90
CA LEU C 33 7.05 11.60 21.82
C LEU C 33 8.02 12.77 21.83
N ARG C 34 9.27 12.47 22.20
CA ARG C 34 10.29 13.50 22.39
C ARG C 34 11.24 13.63 21.20
N TYR C 35 11.56 12.55 20.50
CA TYR C 35 12.62 12.60 19.48
C TYR C 35 12.16 13.04 18.08
N HIS C 36 11.72 14.28 17.98
CA HIS C 36 11.21 14.89 16.76
C HIS C 36 12.29 15.11 15.71
N ASN C 37 13.53 15.03 16.15
CA ASN C 37 14.68 15.09 15.27
C ASN C 37 14.75 13.86 14.35
N LYS C 38 14.19 12.74 14.81
CA LYS C 38 14.18 11.52 14.03
C LYS C 38 13.07 11.47 12.97
N VAL C 39 12.12 12.39 13.03
CA VAL C 39 11.00 12.36 12.12
C VAL C 39 11.28 13.28 10.93
N TYR C 40 11.34 12.70 9.74
CA TYR C 40 11.66 13.45 8.52
C TYR C 40 10.70 13.13 7.35
N CYS C 41 10.62 14.04 6.39
CA CYS C 41 9.82 13.83 5.18
C CYS C 41 10.76 13.74 3.95
N THR C 42 10.76 12.60 3.25
CA THR C 42 11.53 12.44 2.01
C THR C 42 11.37 13.60 1.03
N THR C 43 12.45 14.33 0.85
CA THR C 43 12.48 15.54 0.06
C THR C 43 12.88 15.28 -1.41
N SER C 44 12.64 16.26 -2.27
CA SER C 44 12.94 16.09 -3.69
C SER C 44 14.44 16.29 -4.01
N LYS C 45 15.16 17.08 -3.21
CA LYS C 45 16.64 17.02 -3.26
C LYS C 45 17.12 15.55 -3.24
N SER C 46 16.48 14.71 -2.43
CA SER C 46 16.91 13.31 -2.32
C SER C 46 16.54 12.45 -3.54
N ALA C 47 15.79 13.01 -4.48
CA ALA C 47 15.36 12.23 -5.63
C ALA C 47 16.57 11.76 -6.43
N SER C 48 17.52 12.67 -6.62
CA SER C 48 18.77 12.36 -7.32
C SER C 48 19.30 10.97 -6.92
N GLN C 49 19.44 10.76 -5.61
CA GLN C 49 19.99 9.50 -5.07
C GLN C 49 19.10 8.31 -5.39
N ARG C 50 17.78 8.52 -5.37
CA ARG C 50 16.86 7.44 -5.73
C ARG C 50 17.08 7.04 -7.18
N ALA C 51 17.16 8.04 -8.05
CA ALA C 51 17.48 7.79 -9.47
C ALA C 51 18.69 6.86 -9.62
N LYS C 52 19.81 7.21 -8.99
CA LYS C 52 21.02 6.40 -9.07
C LYS C 52 20.65 4.94 -8.67
N LYS C 53 19.98 4.75 -7.53
CA LYS C 53 19.65 3.41 -7.08
C LYS C 53 18.80 2.64 -8.10
N VAL C 54 17.88 3.31 -8.78
CA VAL C 54 16.93 2.58 -9.66
C VAL C 54 17.36 2.44 -11.12
N THR C 55 18.38 3.18 -11.54
CA THR C 55 18.87 3.06 -12.90
C THR C 55 19.91 1.95 -13.05
N PHE C 56 19.61 0.95 -13.87
CA PHE C 56 20.44 -0.23 -13.96
C PHE C 56 19.99 -1.09 -15.15
N ASP C 57 20.94 -1.82 -15.72
CA ASP C 57 20.69 -2.62 -16.93
C ASP C 57 19.98 -3.90 -16.56
N ARG C 58 19.08 -4.35 -17.41
CA ARG C 58 18.24 -5.50 -17.10
C ARG C 58 18.37 -6.57 -18.16
N THR C 59 18.28 -7.81 -17.71
CA THR C 59 18.43 -8.96 -18.57
C THR C 59 17.46 -10.00 -18.05
N GLN C 60 16.71 -10.62 -18.95
CA GLN C 60 15.59 -11.42 -18.57
C GLN C 60 15.68 -12.71 -19.35
N VAL C 61 15.52 -13.85 -18.69
CA VAL C 61 15.54 -15.16 -19.35
C VAL C 61 14.33 -15.92 -18.89
N LEU C 62 13.39 -16.11 -19.80
CA LEU C 62 12.17 -16.81 -19.46
C LEU C 62 12.42 -18.31 -19.63
N ASP C 63 11.38 -19.15 -19.55
CA ASP C 63 11.53 -20.60 -19.66
C ASP C 63 10.20 -21.30 -19.58
N ALA C 64 10.20 -22.61 -19.82
CA ALA C 64 8.96 -23.38 -19.90
C ALA C 64 7.96 -23.00 -18.84
N HIS C 65 8.46 -22.79 -17.63
CA HIS C 65 7.60 -22.59 -16.47
C HIS C 65 6.85 -21.28 -16.56
N TYR C 66 7.60 -20.22 -16.87
CA TYR C 66 7.01 -18.95 -17.21
C TYR C 66 5.98 -19.13 -18.34
N ASP C 67 6.49 -19.57 -19.50
CA ASP C 67 5.69 -19.71 -20.73
C ASP C 67 4.38 -20.41 -20.38
N SER C 68 4.48 -21.45 -19.57
CA SER C 68 3.32 -22.25 -19.23
C SER C 68 2.30 -21.46 -18.42
N VAL C 69 2.80 -20.73 -17.42
CA VAL C 69 1.94 -19.99 -16.51
C VAL C 69 1.22 -18.91 -17.28
N LEU C 70 2.00 -18.21 -18.10
CA LEU C 70 1.49 -17.18 -18.99
C LEU C 70 0.40 -17.72 -19.90
N LYS C 71 0.62 -18.91 -20.47
CA LYS C 71 -0.42 -19.53 -21.28
C LYS C 71 -1.70 -19.59 -20.44
N ASP C 72 -1.65 -20.31 -19.32
CA ASP C 72 -2.84 -20.56 -18.51
C ASP C 72 -3.58 -19.31 -18.07
N ILE C 73 -2.85 -18.19 -18.05
CA ILE C 73 -3.38 -16.95 -17.56
C ILE C 73 -4.18 -16.26 -18.63
N LYS C 74 -3.69 -16.36 -19.86
CA LYS C 74 -4.46 -15.91 -21.01
C LYS C 74 -5.76 -16.71 -21.13
N LEU C 75 -5.72 -18.03 -20.98
CA LEU C 75 -6.97 -18.81 -20.94
C LEU C 75 -7.91 -18.27 -19.85
N ALA C 76 -7.37 -17.76 -18.75
CA ALA C 76 -8.24 -17.17 -17.72
C ALA C 76 -8.83 -15.86 -18.23
N ALA C 77 -7.96 -15.01 -18.79
CA ALA C 77 -8.30 -13.70 -19.30
C ALA C 77 -9.48 -13.69 -20.26
N SER C 78 -9.62 -14.75 -21.04
CA SER C 78 -10.65 -14.83 -22.06
C SER C 78 -12.03 -15.17 -21.53
N LYS C 79 -12.15 -15.73 -20.32
CA LYS C 79 -13.47 -15.82 -19.67
C LYS C 79 -13.99 -14.43 -19.17
N VAL C 80 -13.29 -13.35 -19.53
CA VAL C 80 -13.64 -11.98 -19.12
C VAL C 80 -14.13 -11.19 -20.31
N SER C 81 -15.30 -10.57 -20.18
CA SER C 81 -15.67 -9.56 -21.15
C SER C 81 -15.69 -8.22 -20.43
N ALA C 82 -15.16 -7.22 -21.11
CA ALA C 82 -14.92 -5.93 -20.50
C ALA C 82 -15.26 -4.81 -21.48
N ARG C 83 -16.03 -3.82 -21.01
CA ARG C 83 -16.54 -2.75 -21.88
C ARG C 83 -15.79 -1.42 -21.74
N LEU C 84 -15.84 -0.56 -22.76
CA LEU C 84 -15.29 0.84 -22.65
C LEU C 84 -16.03 1.69 -21.63
N LEU C 85 -15.48 2.85 -21.31
CA LEU C 85 -16.13 3.72 -20.33
C LEU C 85 -16.42 5.00 -21.07
N THR C 86 -17.63 5.52 -20.90
CA THR C 86 -17.97 6.74 -21.61
C THR C 86 -17.03 7.80 -21.10
N LEU C 87 -16.55 8.63 -22.01
CA LEU C 87 -15.68 9.73 -21.64
C LEU C 87 -16.14 10.34 -20.34
N GLN C 88 -17.46 10.56 -20.19
CA GLN C 88 -17.97 11.19 -18.96
C GLN C 88 -17.72 10.32 -17.78
N GLN C 89 -18.09 9.05 -17.87
CA GLN C 89 -17.93 8.14 -16.73
C GLN C 89 -16.50 8.17 -16.20
N ALA C 90 -15.53 8.20 -17.11
CA ALA C 90 -14.14 8.30 -16.73
C ALA C 90 -13.85 9.62 -16.03
N CYS C 91 -14.35 10.72 -16.56
CA CYS C 91 -14.20 12.01 -15.89
C CYS C 91 -14.70 11.96 -14.44
N GLN C 92 -15.83 11.30 -14.20
CA GLN C 92 -16.40 11.20 -12.86
C GLN C 92 -15.49 10.44 -11.89
N LEU C 93 -14.76 9.44 -12.37
CA LEU C 93 -13.84 8.69 -11.52
C LEU C 93 -12.52 9.43 -11.22
N THR C 94 -12.31 10.62 -11.78
CA THR C 94 -11.14 11.40 -11.43
C THR C 94 -11.23 11.89 -9.99
N PRO C 95 -10.14 11.80 -9.21
CA PRO C 95 -10.12 12.32 -7.84
C PRO C 95 -10.28 13.84 -7.73
N PRO C 96 -10.92 14.32 -6.66
CA PRO C 96 -11.25 15.74 -6.43
C PRO C 96 -10.12 16.70 -6.66
N HIS C 97 -8.93 16.37 -6.16
CA HIS C 97 -7.81 17.32 -6.20
C HIS C 97 -6.75 16.94 -7.25
N SER C 98 -7.06 15.96 -8.09
CA SER C 98 -6.13 15.40 -9.07
C SER C 98 -5.43 16.52 -9.83
N ALA C 99 -4.12 16.35 -10.03
CA ALA C 99 -3.26 17.43 -10.51
C ALA C 99 -3.66 17.93 -11.89
N ARG C 100 -3.82 19.24 -11.98
CA ARG C 100 -4.39 19.88 -13.16
C ARG C 100 -3.63 19.60 -14.47
N SER C 101 -4.33 19.81 -15.58
CA SER C 101 -3.76 19.67 -16.91
C SER C 101 -2.90 20.85 -17.30
N LYS C 102 -1.83 20.57 -18.05
CA LYS C 102 -0.98 21.60 -18.72
C LYS C 102 -1.85 22.52 -19.56
N TYR C 103 -2.91 21.97 -20.15
CA TYR C 103 -3.76 22.70 -21.08
C TYR C 103 -4.91 23.46 -20.40
N GLY C 104 -4.57 24.15 -19.30
CA GLY C 104 -5.46 25.11 -18.65
C GLY C 104 -6.80 24.58 -18.17
N PHE C 105 -6.76 23.66 -17.22
CA PHE C 105 -7.96 23.19 -16.49
C PHE C 105 -7.57 22.02 -15.58
N GLY C 106 -8.35 21.84 -14.50
CA GLY C 106 -8.09 20.81 -13.50
C GLY C 106 -9.26 19.89 -13.24
N ALA C 107 -9.23 19.25 -12.08
CA ALA C 107 -10.17 18.20 -11.76
C ALA C 107 -11.58 18.71 -11.50
N LYS C 108 -11.72 19.95 -11.02
CA LYS C 108 -13.08 20.52 -10.81
C LYS C 108 -13.86 20.41 -12.15
N GLU C 109 -13.28 21.02 -13.19
CA GLU C 109 -13.81 21.03 -14.57
C GLU C 109 -14.07 19.63 -15.06
N VAL C 110 -13.09 18.77 -14.90
CA VAL C 110 -13.26 17.41 -15.36
C VAL C 110 -14.45 16.76 -14.68
N ARG C 111 -14.51 16.81 -13.37
CA ARG C 111 -15.56 16.07 -12.68
C ARG C 111 -16.95 16.67 -12.95
N SER C 112 -16.98 17.97 -13.25
CA SER C 112 -18.22 18.70 -13.47
C SER C 112 -18.60 18.68 -14.94
N LEU C 113 -17.72 18.13 -15.77
CA LEU C 113 -17.89 18.01 -17.22
C LEU C 113 -17.88 19.37 -17.94
N SER C 114 -17.05 20.29 -17.48
CA SER C 114 -16.83 21.52 -18.23
C SER C 114 -16.55 21.15 -19.69
N GLY C 115 -16.98 22.00 -20.61
CA GLY C 115 -16.77 21.79 -22.04
C GLY C 115 -15.34 21.89 -22.56
N ARG C 116 -14.54 22.83 -22.03
CA ARG C 116 -13.12 22.92 -22.45
C ARG C 116 -12.45 21.58 -22.13
N ALA C 117 -12.72 21.09 -20.92
CA ALA C 117 -12.17 19.82 -20.47
C ALA C 117 -12.64 18.66 -21.33
N VAL C 118 -13.96 18.54 -21.49
CA VAL C 118 -14.51 17.48 -22.34
C VAL C 118 -14.04 17.51 -23.80
N ASN C 119 -13.79 18.68 -24.37
CA ASN C 119 -13.26 18.69 -25.72
C ASN C 119 -11.86 18.21 -25.78
N HIS C 120 -10.99 18.82 -25.00
CA HIS C 120 -9.60 18.36 -24.92
C HIS C 120 -9.51 16.83 -24.81
N ILE C 121 -10.34 16.25 -23.96
CA ILE C 121 -10.26 14.83 -23.75
C ILE C 121 -10.67 14.09 -25.04
N LYS C 122 -11.75 14.53 -25.66
CA LYS C 122 -12.19 13.96 -26.94
C LYS C 122 -11.04 13.96 -27.95
N SER C 123 -10.34 15.07 -28.03
CA SER C 123 -9.25 15.20 -28.97
C SER C 123 -8.13 14.20 -28.65
N VAL C 124 -7.75 14.15 -27.37
CA VAL C 124 -6.71 13.28 -26.88
C VAL C 124 -7.00 11.82 -27.17
N TRP C 125 -8.23 11.42 -26.95
CA TRP C 125 -8.68 10.10 -27.34
C TRP C 125 -8.59 9.86 -28.83
N LYS C 126 -9.00 10.85 -29.64
CA LYS C 126 -8.79 10.78 -31.10
C LYS C 126 -7.33 10.43 -31.41
N ASP C 127 -6.42 11.23 -30.86
CA ASP C 127 -4.99 11.06 -31.12
C ASP C 127 -4.50 9.65 -30.76
N LEU C 128 -5.05 9.05 -29.71
CA LEU C 128 -4.72 7.66 -29.37
C LEU C 128 -5.18 6.68 -30.43
N LEU C 129 -6.40 6.89 -30.89
CA LEU C 129 -6.97 6.08 -31.94
C LEU C 129 -6.21 6.23 -33.30
N GLU C 130 -5.75 7.44 -33.60
CA GLU C 130 -5.18 7.70 -34.92
C GLU C 130 -3.69 7.43 -34.96
N ASP C 131 -3.04 7.49 -33.81
CA ASP C 131 -1.59 7.49 -33.75
C ASP C 131 -1.14 6.47 -32.71
N PRO C 132 -0.40 5.44 -33.14
CA PRO C 132 -0.01 4.49 -32.12
C PRO C 132 1.51 4.35 -31.91
N GLN C 133 2.30 5.40 -32.11
CA GLN C 133 3.74 5.28 -31.82
C GLN C 133 4.29 6.48 -31.12
N THR C 134 3.81 7.66 -31.45
CA THR C 134 4.42 8.82 -30.82
C THR C 134 4.42 8.66 -29.28
N PRO C 135 5.61 8.68 -28.68
CA PRO C 135 5.64 8.59 -27.22
C PRO C 135 4.89 9.75 -26.55
N ILE C 136 4.29 9.49 -25.38
CA ILE C 136 3.56 10.52 -24.62
C ILE C 136 4.38 11.10 -23.47
N PRO C 137 4.60 12.41 -23.48
CA PRO C 137 5.41 12.95 -22.39
C PRO C 137 4.81 12.68 -21.00
N THR C 138 5.69 12.69 -20.00
CA THR C 138 5.31 12.43 -18.64
C THR C 138 6.02 13.40 -17.74
N THR C 139 5.36 13.76 -16.64
CA THR C 139 6.01 14.53 -15.60
C THR C 139 6.62 13.55 -14.60
N ILE C 140 7.77 13.91 -14.04
CA ILE C 140 8.38 13.13 -12.98
C ILE C 140 8.54 13.95 -11.72
N MET C 141 8.09 13.38 -10.61
CA MET C 141 8.20 14.05 -9.32
C MET C 141 8.56 13.04 -8.22
N ALA C 142 8.94 13.61 -7.08
CA ALA C 142 9.32 12.85 -5.88
C ALA C 142 8.14 12.72 -4.93
N LYS C 143 7.95 11.54 -4.36
CA LYS C 143 6.91 11.36 -3.37
C LYS C 143 7.42 11.82 -2.03
N ASN C 144 6.61 12.61 -1.34
CA ASN C 144 6.92 13.10 -0.01
C ASN C 144 6.29 12.23 1.04
N GLU C 145 7.05 11.35 1.68
CA GLU C 145 6.51 10.58 2.80
C GLU C 145 7.32 10.87 4.05
N VAL C 146 6.69 10.64 5.19
CA VAL C 146 7.37 10.74 6.50
C VAL C 146 7.86 9.39 7.01
N PHE C 147 9.07 9.38 7.55
CA PHE C 147 9.61 8.22 8.26
C PHE C 147 10.39 8.67 9.49
N CYS C 148 10.64 7.69 10.36
CA CYS C 148 11.61 7.80 11.44
C CYS C 148 12.95 7.54 10.80
N VAL C 149 14.01 8.23 11.22
CA VAL C 149 15.34 7.89 10.71
C VAL C 149 15.67 6.47 11.16
N ASP C 150 16.48 5.78 10.38
CA ASP C 150 17.01 4.49 10.80
C ASP C 150 18.50 4.50 10.49
N PRO C 151 19.32 4.88 11.50
CA PRO C 151 20.77 4.94 11.28
C PRO C 151 21.35 3.56 11.00
N ALA C 152 20.77 2.53 11.64
CA ALA C 152 21.12 1.13 11.36
C ALA C 152 20.87 0.72 9.89
N LYS C 153 19.86 1.29 9.25
CA LYS C 153 19.58 1.03 7.83
C LYS C 153 19.82 2.29 6.96
N GLY C 154 20.85 3.06 7.31
CA GLY C 154 21.42 4.08 6.41
C GLY C 154 20.98 5.54 6.51
N GLY C 155 20.45 5.96 7.65
CA GLY C 155 20.02 7.35 7.82
C GLY C 155 18.64 7.64 7.25
N LYS C 156 18.60 8.31 6.08
CA LYS C 156 17.35 8.77 5.45
C LYS C 156 17.06 8.16 4.09
N LYS C 157 15.89 7.56 3.94
CA LYS C 157 15.48 7.02 2.65
C LYS C 157 15.39 8.17 1.65
N PRO C 158 15.85 7.92 0.41
CA PRO C 158 15.58 8.92 -0.61
C PRO C 158 14.14 8.79 -1.07
N ALA C 159 13.61 9.85 -1.66
CA ALA C 159 12.21 9.87 -2.14
C ALA C 159 12.01 8.95 -3.29
N ARG C 160 10.88 8.26 -3.27
CA ARG C 160 10.45 7.42 -4.37
C ARG C 160 10.03 8.31 -5.57
N LEU C 161 10.08 7.74 -6.77
CA LEU C 161 9.88 8.50 -8.00
C LEU C 161 8.51 8.25 -8.58
N ILE C 162 7.74 9.33 -8.73
CA ILE C 162 6.41 9.25 -9.33
C ILE C 162 6.45 9.79 -10.75
N VAL C 163 5.88 9.04 -11.69
CA VAL C 163 5.97 9.38 -13.11
C VAL C 163 4.60 9.29 -13.78
N TYR C 164 4.09 10.41 -14.26
CA TYR C 164 2.69 10.42 -14.72
C TYR C 164 2.42 11.32 -15.92
N PRO C 165 1.43 10.95 -16.73
CA PRO C 165 1.00 11.69 -17.89
C PRO C 165 0.03 12.78 -17.51
N ASP C 166 -0.15 13.76 -18.38
CA ASP C 166 -1.08 14.85 -18.15
C ASP C 166 -2.49 14.32 -17.88
N LEU C 167 -3.26 15.13 -17.17
CA LEU C 167 -4.60 14.76 -16.72
C LEU C 167 -5.50 14.15 -17.82
N GLY C 168 -5.55 14.81 -18.98
CA GLY C 168 -6.31 14.31 -20.11
C GLY C 168 -6.04 12.87 -20.44
N VAL C 169 -4.77 12.51 -20.46
CA VAL C 169 -4.39 11.14 -20.73
C VAL C 169 -4.95 10.19 -19.66
N ARG C 170 -4.91 10.64 -18.40
CA ARG C 170 -5.37 9.78 -17.29
C ARG C 170 -6.84 9.40 -17.45
N VAL C 171 -7.63 10.34 -17.94
CA VAL C 171 -9.03 10.06 -18.16
C VAL C 171 -9.17 9.02 -19.24
N CYS C 172 -8.37 9.17 -20.30
CA CYS C 172 -8.47 8.26 -21.45
C CYS C 172 -8.12 6.87 -21.01
N GLU C 173 -7.00 6.78 -20.29
CA GLU C 173 -6.63 5.55 -19.63
C GLU C 173 -7.82 4.88 -18.97
N LYS C 174 -8.55 5.63 -18.14
CA LYS C 174 -9.71 5.05 -17.46
C LYS C 174 -10.73 4.53 -18.45
N MET C 175 -11.05 5.32 -19.47
CA MET C 175 -12.01 4.89 -20.50
C MET C 175 -11.65 3.48 -21.03
N ALA C 176 -10.43 3.39 -21.57
CA ALA C 176 -9.87 2.16 -22.12
C ALA C 176 -9.81 1.00 -21.11
N LEU C 177 -9.32 1.29 -19.90
CA LEU C 177 -8.88 0.23 -18.98
C LEU C 177 -9.66 0.05 -17.69
N TYR C 178 -10.30 1.09 -17.16
CA TYR C 178 -10.99 0.93 -15.86
C TYR C 178 -11.73 -0.39 -15.69
N ASP C 179 -12.54 -0.77 -16.66
CA ASP C 179 -13.38 -1.93 -16.43
C ASP C 179 -12.52 -3.18 -16.31
N ILE C 180 -11.46 -3.25 -17.11
CA ILE C 180 -10.52 -4.36 -17.01
C ILE C 180 -10.01 -4.48 -15.58
N THR C 181 -9.53 -3.36 -15.05
CA THR C 181 -8.98 -3.33 -13.69
C THR C 181 -10.00 -3.86 -12.70
N GLN C 182 -11.28 -3.67 -12.98
CA GLN C 182 -12.31 -4.18 -12.09
C GLN C 182 -12.57 -5.68 -12.24
N LYS C 183 -12.07 -6.31 -13.29
CA LYS C 183 -12.47 -7.69 -13.57
C LYS C 183 -11.36 -8.70 -13.78
N LEU C 184 -10.26 -8.25 -14.37
CA LEU C 184 -9.20 -9.15 -14.85
C LEU C 184 -8.42 -9.86 -13.74
N PRO C 185 -7.77 -9.09 -12.83
CA PRO C 185 -7.00 -9.67 -11.74
C PRO C 185 -7.72 -10.80 -11.02
N GLN C 186 -8.96 -10.53 -10.61
CA GLN C 186 -9.76 -11.45 -9.80
C GLN C 186 -9.93 -12.73 -10.59
N ALA C 187 -10.00 -12.62 -11.91
CA ALA C 187 -10.25 -13.73 -12.80
C ALA C 187 -8.97 -14.49 -13.15
N VAL C 188 -7.90 -13.75 -13.37
CA VAL C 188 -6.62 -14.40 -13.55
C VAL C 188 -6.17 -15.14 -12.29
N MET C 189 -6.25 -14.49 -11.13
CA MET C 189 -5.59 -14.99 -9.91
C MET C 189 -6.49 -15.65 -8.91
N GLY C 190 -7.80 -15.47 -9.03
CA GLY C 190 -8.71 -16.15 -8.14
C GLY C 190 -8.49 -15.70 -6.72
N ALA C 191 -8.67 -16.64 -5.78
CA ALA C 191 -8.41 -16.41 -4.34
C ALA C 191 -7.03 -15.80 -4.04
N SER C 192 -6.03 -16.02 -4.91
CA SER C 192 -4.72 -15.38 -4.75
C SER C 192 -4.74 -13.86 -4.83
N TYR C 193 -5.80 -13.26 -5.35
CA TYR C 193 -5.81 -11.82 -5.55
C TYR C 193 -5.96 -11.11 -4.23
N GLY C 194 -4.96 -10.34 -3.87
CA GLY C 194 -4.84 -9.87 -2.50
C GLY C 194 -5.75 -8.73 -2.16
N PHE C 195 -5.80 -7.74 -3.03
CA PHE C 195 -6.58 -6.54 -2.79
C PHE C 195 -8.07 -6.86 -2.59
N GLN C 196 -8.56 -7.95 -3.20
CA GLN C 196 -9.95 -8.40 -2.97
C GLN C 196 -10.36 -8.54 -1.49
N TYR C 197 -9.43 -8.87 -0.59
CA TYR C 197 -9.79 -9.20 0.79
C TYR C 197 -9.76 -8.01 1.72
N SER C 198 -10.65 -8.06 2.70
CA SER C 198 -10.54 -7.25 3.90
C SER C 198 -9.34 -7.74 4.72
N PRO C 199 -8.95 -6.99 5.77
CA PRO C 199 -7.89 -7.52 6.63
C PRO C 199 -8.32 -8.79 7.38
N ALA C 200 -9.57 -8.88 7.78
CA ALA C 200 -10.01 -10.05 8.50
C ALA C 200 -9.97 -11.25 7.58
N GLN C 201 -10.37 -11.04 6.34
CA GLN C 201 -10.37 -12.16 5.40
C GLN C 201 -8.94 -12.55 5.12
N ARG C 202 -8.09 -11.54 4.96
CA ARG C 202 -6.67 -11.74 4.72
C ARG C 202 -6.12 -12.69 5.79
N VAL C 203 -6.40 -12.36 7.05
CA VAL C 203 -6.04 -13.23 8.16
C VAL C 203 -6.67 -14.62 8.09
N GLU C 204 -7.99 -14.74 7.86
CA GLU C 204 -8.65 -16.05 7.83
C GLU C 204 -8.00 -16.84 6.68
N TYR C 205 -7.73 -16.15 5.59
CA TYR C 205 -7.20 -16.81 4.43
C TYR C 205 -5.88 -17.43 4.76
N LEU C 206 -5.03 -16.68 5.45
CA LEU C 206 -3.69 -17.18 5.79
C LEU C 206 -3.75 -18.35 6.76
N LEU C 207 -4.58 -18.23 7.79
CA LEU C 207 -4.84 -19.34 8.70
C LEU C 207 -5.42 -20.59 8.03
N LYS C 208 -6.33 -20.40 7.05
CA LYS C 208 -6.95 -21.54 6.38
C LYS C 208 -5.85 -22.24 5.57
N ALA C 209 -5.02 -21.44 4.88
CA ALA C 209 -3.94 -21.99 4.08
C ALA C 209 -3.03 -22.79 4.98
N TRP C 210 -2.64 -22.16 6.08
CA TRP C 210 -1.73 -22.76 7.01
C TRP C 210 -2.32 -24.05 7.56
N ALA C 211 -3.59 -24.00 7.90
CA ALA C 211 -4.25 -25.18 8.47
C ALA C 211 -4.26 -26.34 7.49
N GLU C 212 -4.58 -26.05 6.23
CA GLU C 212 -4.64 -27.09 5.18
C GLU C 212 -3.40 -27.98 5.02
N LYS C 213 -2.21 -27.42 5.16
CA LYS C 213 -0.99 -28.21 4.99
C LYS C 213 -0.87 -29.33 6.01
N LYS C 214 -0.36 -30.49 5.62
CA LYS C 214 0.05 -31.50 6.61
C LYS C 214 1.23 -30.96 7.44
N ASP C 215 2.07 -30.13 6.83
CA ASP C 215 3.31 -29.66 7.46
C ASP C 215 3.79 -28.35 6.82
N PRO C 216 3.17 -27.22 7.19
CA PRO C 216 3.27 -25.97 6.45
C PRO C 216 4.59 -25.29 6.55
N MET C 217 4.92 -24.53 5.52
CA MET C 217 6.14 -23.75 5.44
C MET C 217 5.73 -22.48 4.76
N GLY C 218 6.23 -21.34 5.22
CA GLY C 218 5.77 -20.07 4.66
C GLY C 218 6.92 -19.16 4.31
N PHE C 219 6.72 -18.31 3.33
CA PHE C 219 7.64 -17.20 3.14
C PHE C 219 6.96 -16.05 2.43
N SER C 220 7.67 -14.96 2.36
CA SER C 220 7.24 -13.78 1.65
C SER C 220 8.40 -13.32 0.78
N TYR C 221 8.08 -12.55 -0.25
CA TYR C 221 9.07 -12.09 -1.23
C TYR C 221 8.67 -10.71 -1.63
N ASP C 222 9.64 -9.83 -1.74
CA ASP C 222 9.42 -8.47 -2.21
C ASP C 222 10.54 -8.20 -3.22
N THR C 223 10.21 -7.37 -4.19
CA THR C 223 11.14 -7.09 -5.27
C THR C 223 11.77 -5.71 -5.07
N ARG C 224 13.06 -5.63 -5.36
CA ARG C 224 13.84 -4.43 -5.12
C ARG C 224 13.52 -3.43 -6.22
N HIS C 225 12.91 -2.32 -5.87
CA HIS C 225 12.62 -1.28 -6.83
C HIS C 225 11.78 -1.85 -7.95
N PHE C 226 10.67 -2.49 -7.60
CA PHE C 226 9.94 -3.31 -8.58
C PHE C 226 9.63 -2.61 -9.88
N ASP C 227 9.18 -1.36 -9.82
CA ASP C 227 8.87 -0.65 -11.06
C ASP C 227 10.09 -0.55 -12.01
N SER C 228 11.30 -0.38 -11.50
CA SER C 228 12.51 -0.44 -12.32
C SER C 228 12.71 -1.79 -12.97
N THR C 229 12.28 -2.86 -12.30
CA THR C 229 12.52 -4.22 -12.81
C THR C 229 11.63 -4.62 -13.96
N VAL C 230 10.56 -3.86 -14.19
CA VAL C 230 9.59 -4.20 -15.24
C VAL C 230 10.17 -3.85 -16.62
N THR C 231 10.17 -4.85 -17.50
CA THR C 231 10.76 -4.69 -18.82
C THR C 231 9.72 -4.41 -19.89
N GLU C 232 10.13 -3.64 -20.90
CA GLU C 232 9.30 -3.43 -22.09
C GLU C 232 8.51 -4.69 -22.42
N ARG C 233 9.21 -5.81 -22.37
CA ARG C 233 8.58 -7.03 -22.74
C ARG C 233 7.44 -7.43 -21.79
N ASP C 234 7.69 -7.29 -20.49
CA ASP C 234 6.68 -7.56 -19.45
C ASP C 234 5.42 -6.76 -19.72
N ILE C 235 5.61 -5.49 -20.05
CA ILE C 235 4.50 -4.58 -20.31
C ILE C 235 3.73 -5.01 -21.54
N ARG C 236 4.47 -5.36 -22.60
CA ARG C 236 3.84 -5.88 -23.81
C ARG C 236 3.10 -7.18 -23.50
N THR C 237 3.71 -8.04 -22.69
CA THR C 237 3.03 -9.24 -22.21
C THR C 237 1.80 -8.83 -21.38
N GLU C 238 1.89 -7.72 -20.67
CA GLU C 238 0.73 -7.20 -19.97
C GLU C 238 -0.39 -6.84 -20.99
N GLU C 239 -0.05 -6.02 -21.99
CA GLU C 239 -1.01 -5.76 -23.06
C GLU C 239 -1.65 -7.03 -23.60
N SER C 240 -0.82 -7.95 -24.06
CA SER C 240 -1.34 -9.20 -24.62
C SER C 240 -2.22 -9.98 -23.66
N ILE C 241 -2.07 -9.74 -22.36
CA ILE C 241 -2.99 -10.32 -21.39
C ILE C 241 -4.31 -9.56 -21.34
N TYR C 242 -4.24 -8.23 -21.52
CA TYR C 242 -5.44 -7.39 -21.52
C TYR C 242 -6.26 -7.70 -22.76
N GLN C 243 -5.55 -7.72 -23.89
CA GLN C 243 -6.09 -8.07 -25.21
C GLN C 243 -6.73 -9.45 -25.22
N ALA C 244 -6.22 -10.35 -24.40
CA ALA C 244 -6.81 -11.66 -24.34
C ALA C 244 -8.26 -11.69 -23.85
N CYS C 245 -8.86 -10.53 -23.57
CA CYS C 245 -10.28 -10.47 -23.13
C CYS C 245 -11.19 -10.20 -24.31
N SER C 246 -12.50 -10.34 -24.06
CA SER C 246 -13.51 -9.78 -24.95
C SER C 246 -13.49 -8.26 -24.86
N LEU C 247 -13.08 -7.61 -25.94
CA LEU C 247 -13.02 -6.15 -26.01
C LEU C 247 -13.58 -5.56 -27.29
N PRO C 248 -14.39 -4.51 -27.17
CA PRO C 248 -14.65 -3.55 -28.22
C PRO C 248 -13.41 -3.19 -29.00
N GLU C 249 -13.50 -3.22 -30.31
CA GLU C 249 -12.33 -2.97 -31.15
C GLU C 249 -11.68 -1.61 -30.85
N GLU C 250 -12.49 -0.67 -30.40
CA GLU C 250 -12.00 0.69 -30.15
C GLU C 250 -11.08 0.73 -28.93
N ALA C 251 -11.36 -0.17 -27.98
CA ALA C 251 -10.54 -0.36 -26.79
C ALA C 251 -9.17 -0.88 -27.20
N ARG C 252 -9.15 -1.99 -27.92
CA ARG C 252 -7.90 -2.62 -28.39
C ARG C 252 -6.93 -1.63 -28.98
N THR C 253 -7.43 -0.77 -29.83
CA THR C 253 -6.57 0.23 -30.41
C THR C 253 -5.98 1.13 -29.34
N ALA C 254 -6.85 1.53 -28.40
CA ALA C 254 -6.49 2.45 -27.33
C ALA C 254 -5.45 1.81 -26.41
N ILE C 255 -5.80 0.61 -25.91
CA ILE C 255 -4.85 -0.17 -25.14
C ILE C 255 -3.51 -0.18 -25.85
N HIS C 256 -3.50 -0.74 -27.07
CA HIS C 256 -2.26 -0.95 -27.80
C HIS C 256 -1.55 0.37 -27.98
N SER C 257 -2.31 1.43 -28.20
CA SER C 257 -1.67 2.71 -28.42
C SER C 257 -1.08 3.22 -27.10
N LEU C 258 -1.82 3.00 -26.00
CA LEU C 258 -1.37 3.44 -24.66
C LEU C 258 -0.12 2.66 -24.25
N THR C 259 -0.20 1.35 -24.46
CA THR C 259 0.92 0.46 -24.23
C THR C 259 2.15 1.01 -24.90
N GLU C 260 2.05 1.20 -26.21
CA GLU C 260 3.24 1.55 -26.99
C GLU C 260 3.72 2.94 -26.71
N ARG C 261 2.80 3.85 -26.45
CA ARG C 261 3.15 5.26 -26.37
C ARG C 261 3.47 5.74 -24.96
N LEU C 262 2.98 5.00 -23.96
CA LEU C 262 3.03 5.44 -22.57
C LEU C 262 3.60 4.40 -21.62
N TYR C 263 2.94 3.27 -21.56
CA TYR C 263 3.25 2.25 -20.60
C TYR C 263 4.67 1.68 -20.77
N VAL C 264 5.01 1.31 -21.99
CA VAL C 264 6.32 0.74 -22.29
C VAL C 264 7.51 1.73 -22.15
N GLY C 265 7.26 3.04 -22.16
CA GLY C 265 8.36 3.99 -21.92
C GLY C 265 8.12 5.40 -22.42
N GLY C 266 9.11 6.27 -22.24
CA GLY C 266 8.99 7.61 -22.80
C GLY C 266 9.74 8.70 -22.05
N PRO C 267 9.66 9.92 -22.57
CA PRO C 267 10.39 11.02 -21.97
C PRO C 267 9.73 11.55 -20.70
N MET C 268 10.55 12.14 -19.84
CA MET C 268 10.10 12.58 -18.57
C MET C 268 10.57 14.01 -18.44
N PHE C 269 9.73 14.84 -17.82
CA PHE C 269 10.02 16.25 -17.64
C PHE C 269 9.89 16.61 -16.20
N ASN C 270 10.82 17.41 -15.70
CA ASN C 270 10.74 17.88 -14.32
C ASN C 270 9.61 18.89 -14.27
N SER C 271 9.26 19.35 -13.08
CA SER C 271 8.09 20.21 -12.94
C SER C 271 8.33 21.63 -13.48
N LYS C 272 9.60 21.99 -13.71
CA LYS C 272 9.95 23.26 -14.35
C LYS C 272 9.95 23.16 -15.89
N GLY C 273 9.66 21.98 -16.45
CA GLY C 273 9.53 21.83 -17.90
C GLY C 273 10.70 21.18 -18.65
N GLN C 274 11.88 21.16 -18.06
CA GLN C 274 13.06 20.60 -18.74
C GLN C 274 12.97 19.11 -18.94
N THR C 275 13.60 18.61 -20.00
CA THR C 275 13.69 17.18 -20.26
C THR C 275 14.54 16.56 -19.16
N CYS C 276 13.99 15.57 -18.48
CA CYS C 276 14.64 15.03 -17.29
C CYS C 276 15.39 13.76 -17.59
N GLY C 277 14.86 12.98 -18.52
CA GLY C 277 15.43 11.69 -18.76
C GLY C 277 14.46 10.96 -19.63
N TYR C 278 14.66 9.65 -19.74
CA TYR C 278 13.82 8.80 -20.56
C TYR C 278 13.70 7.48 -19.81
N ARG C 279 12.53 6.85 -19.90
CA ARG C 279 12.16 5.72 -19.06
C ARG C 279 11.81 4.54 -19.91
N ARG C 280 12.33 3.37 -19.56
CA ARG C 280 12.00 2.14 -20.28
C ARG C 280 11.51 1.03 -19.35
N CYS C 281 10.80 1.45 -18.30
CA CYS C 281 10.17 0.53 -17.33
C CYS C 281 8.87 1.16 -16.86
N ARG C 282 8.23 0.48 -15.92
CA ARG C 282 6.98 0.95 -15.31
C ARG C 282 7.01 2.42 -14.90
N ALA C 283 5.97 3.14 -15.32
CA ALA C 283 5.70 4.45 -14.77
C ALA C 283 4.69 4.22 -13.68
N SER C 284 5.08 4.58 -12.47
CA SER C 284 4.21 4.42 -11.33
C SER C 284 3.46 5.73 -11.28
N GLY C 285 2.18 5.67 -11.57
CA GLY C 285 1.44 6.88 -11.93
C GLY C 285 0.34 6.60 -12.94
N VAL C 286 0.50 5.55 -13.72
CA VAL C 286 -0.50 5.17 -14.68
C VAL C 286 -1.55 4.32 -13.99
N LEU C 287 -2.70 4.25 -14.64
CA LEU C 287 -3.83 3.50 -14.17
C LEU C 287 -3.47 2.04 -13.96
N THR C 288 -2.61 1.52 -14.83
CA THR C 288 -2.26 0.10 -14.79
C THR C 288 -1.21 -0.27 -13.74
N THR C 289 -0.64 0.73 -13.05
CA THR C 289 0.38 0.45 -12.06
C THR C 289 0.01 -0.73 -11.16
N SER C 290 -1.11 -0.67 -10.44
CA SER C 290 -1.43 -1.74 -9.48
C SER C 290 -1.69 -3.07 -10.12
N MET C 291 -2.58 -3.07 -11.11
CA MET C 291 -2.98 -4.29 -11.80
C MET C 291 -1.77 -4.91 -12.52
N GLY C 292 -1.03 -4.04 -13.22
CA GLY C 292 0.20 -4.43 -13.89
C GLY C 292 1.12 -5.18 -12.94
N ASN C 293 1.63 -4.46 -11.97
CA ASN C 293 2.47 -5.04 -10.94
C ASN C 293 1.92 -6.35 -10.40
N THR C 294 0.65 -6.35 -10.09
CA THR C 294 0.09 -7.49 -9.42
C THR C 294 0.09 -8.70 -10.36
N ILE C 295 -0.37 -8.49 -11.59
CA ILE C 295 -0.48 -9.61 -12.50
C ILE C 295 0.88 -10.14 -12.86
N THR C 296 1.74 -9.22 -13.31
CA THR C 296 3.10 -9.55 -13.66
C THR C 296 3.83 -10.23 -12.52
N CYS C 297 3.81 -9.62 -11.35
CA CYS C 297 4.41 -10.28 -10.21
C CYS C 297 3.85 -11.69 -10.07
N TYR C 298 2.56 -11.85 -10.22
CA TYR C 298 1.98 -13.17 -10.06
C TYR C 298 2.48 -14.22 -11.06
N VAL C 299 2.82 -13.81 -12.27
CA VAL C 299 3.29 -14.74 -13.31
C VAL C 299 4.68 -15.25 -12.94
N LYS C 300 5.61 -14.31 -12.84
CA LYS C 300 6.95 -14.63 -12.44
C LYS C 300 6.96 -15.49 -11.17
N ALA C 301 6.15 -15.10 -10.18
CA ALA C 301 6.08 -15.80 -8.92
C ALA C 301 5.64 -17.24 -9.06
N LEU C 302 4.53 -17.44 -9.76
CA LEU C 302 4.02 -18.78 -9.90
C LEU C 302 4.96 -19.62 -10.76
N ALA C 303 5.73 -18.95 -11.62
CA ALA C 303 6.69 -19.67 -12.44
C ALA C 303 7.84 -20.11 -11.54
N ALA C 304 8.40 -19.15 -10.78
CA ALA C 304 9.49 -19.47 -9.85
C ALA C 304 9.08 -20.61 -8.91
N CYS C 305 7.85 -20.59 -8.45
CA CYS C 305 7.38 -21.66 -7.58
C CYS C 305 7.51 -22.97 -8.26
N LYS C 306 7.20 -23.01 -9.54
CA LYS C 306 7.26 -24.23 -10.32
C LYS C 306 8.70 -24.56 -10.65
N ALA C 307 9.48 -23.55 -11.01
CA ALA C 307 10.93 -23.75 -11.18
C ALA C 307 11.64 -24.34 -9.95
N ALA C 308 11.06 -24.18 -8.77
CA ALA C 308 11.77 -24.46 -7.53
C ALA C 308 11.15 -25.59 -6.77
N GLY C 309 10.09 -26.17 -7.28
CA GLY C 309 9.52 -27.34 -6.64
C GLY C 309 8.67 -27.06 -5.40
N ILE C 310 8.31 -25.80 -5.14
CA ILE C 310 7.47 -25.55 -3.99
C ILE C 310 6.22 -26.35 -4.18
N VAL C 311 5.87 -27.14 -3.18
CA VAL C 311 4.71 -28.04 -3.27
C VAL C 311 3.46 -27.39 -2.74
N ALA C 312 2.36 -27.60 -3.45
CA ALA C 312 1.04 -27.14 -3.02
C ALA C 312 1.06 -25.70 -2.54
N PRO C 313 1.61 -24.79 -3.35
CA PRO C 313 1.71 -23.40 -2.95
C PRO C 313 0.34 -22.80 -2.86
N THR C 314 0.15 -21.92 -1.90
CA THR C 314 -1.03 -21.11 -1.80
C THR C 314 -0.56 -19.69 -1.69
N MET C 315 -0.90 -18.88 -2.69
CA MET C 315 -0.34 -17.56 -2.81
C MET C 315 -1.28 -16.46 -2.40
N LEU C 316 -0.68 -15.30 -2.22
CA LEU C 316 -1.39 -14.09 -1.94
C LEU C 316 -0.51 -13.02 -2.47
N VAL C 317 -1.03 -12.23 -3.41
CA VAL C 317 -0.23 -11.22 -4.06
C VAL C 317 -0.93 -9.88 -3.97
N CYS C 318 -0.16 -8.87 -3.59
CA CYS C 318 -0.61 -7.51 -3.56
C CYS C 318 0.53 -6.70 -4.15
N GLY C 319 0.52 -6.55 -5.46
CA GLY C 319 1.52 -5.73 -6.10
C GLY C 319 2.76 -6.56 -6.15
N ASP C 320 3.90 -6.03 -5.73
CA ASP C 320 5.14 -6.82 -5.75
C ASP C 320 5.41 -7.56 -4.44
N ASP C 321 4.36 -7.77 -3.66
CA ASP C 321 4.49 -8.31 -2.33
C ASP C 321 3.72 -9.59 -2.38
N LEU C 322 4.32 -10.68 -1.91
CA LEU C 322 3.59 -11.93 -1.82
C LEU C 322 3.98 -12.80 -0.67
N ILE C 323 3.06 -13.70 -0.35
CA ILE C 323 3.24 -14.71 0.63
C ILE C 323 2.91 -16.02 -0.01
N VAL C 324 3.73 -17.03 0.21
CA VAL C 324 3.42 -18.36 -0.25
C VAL C 324 3.41 -19.30 0.91
N ILE C 325 2.36 -20.11 1.02
CA ILE C 325 2.30 -21.10 2.08
C ILE C 325 2.17 -22.46 1.43
N SER C 326 3.11 -23.33 1.77
CA SER C 326 3.47 -24.47 0.97
C SER C 326 3.57 -25.67 1.88
N GLU C 327 3.67 -26.86 1.31
CA GLU C 327 4.00 -28.08 2.10
C GLU C 327 5.50 -28.17 2.23
N SER C 328 5.99 -28.16 3.46
CA SER C 328 7.43 -28.25 3.72
C SER C 328 7.98 -29.55 3.21
N GLN C 329 9.19 -29.49 2.65
CA GLN C 329 9.94 -30.67 2.17
C GLN C 329 11.24 -30.89 3.02
N GLY C 330 11.12 -30.63 4.33
CA GLY C 330 12.28 -30.57 5.18
C GLY C 330 12.98 -29.23 5.08
N THR C 331 13.65 -28.86 6.14
CA THR C 331 14.32 -27.60 6.15
C THR C 331 15.40 -27.60 5.09
N GLU C 332 16.12 -28.72 4.95
CA GLU C 332 17.27 -28.75 4.06
C GLU C 332 16.82 -28.47 2.61
N GLU C 333 15.76 -29.16 2.17
CA GLU C 333 15.20 -28.94 0.85
C GLU C 333 14.54 -27.56 0.73
N ASP C 334 13.66 -27.21 1.68
CA ASP C 334 13.06 -25.84 1.75
C ASP C 334 14.09 -24.69 1.50
N GLU C 335 15.31 -24.83 2.00
CA GLU C 335 16.30 -23.76 1.86
C GLU C 335 16.76 -23.74 0.41
N ARG C 336 16.91 -24.94 -0.15
CA ARG C 336 17.37 -25.11 -1.52
C ARG C 336 16.31 -24.52 -2.47
N ASN C 337 15.05 -24.86 -2.23
CA ASN C 337 13.97 -24.37 -3.04
C ASN C 337 13.78 -22.86 -3.02
N LEU C 338 13.88 -22.25 -1.85
CA LEU C 338 13.84 -20.81 -1.78
C LEU C 338 14.99 -20.17 -2.54
N ARG C 339 16.19 -20.77 -2.47
CA ARG C 339 17.30 -20.24 -3.27
C ARG C 339 16.91 -20.32 -4.74
N ALA C 340 16.42 -21.47 -5.17
CA ALA C 340 16.00 -21.68 -6.54
C ALA C 340 14.98 -20.62 -6.96
N PHE C 341 13.90 -20.54 -6.18
CA PHE C 341 12.83 -19.58 -6.37
C PHE C 341 13.45 -18.22 -6.67
N THR C 342 14.36 -17.81 -5.79
CA THR C 342 14.96 -16.51 -5.89
C THR C 342 15.81 -16.32 -7.16
N GLU C 343 16.55 -17.36 -7.55
CA GLU C 343 17.29 -17.31 -8.82
C GLU C 343 16.30 -17.16 -9.99
N ALA C 344 15.27 -18.00 -10.01
CA ALA C 344 14.23 -17.89 -11.02
C ALA C 344 13.65 -16.48 -11.12
N MET C 345 13.31 -15.88 -9.98
CA MET C 345 12.75 -14.54 -10.01
C MET C 345 13.77 -13.58 -10.54
N THR C 346 15.01 -13.78 -10.13
CA THR C 346 16.09 -12.90 -10.54
C THR C 346 16.34 -13.03 -12.04
N ARG C 347 16.16 -14.24 -12.56
CA ARG C 347 16.27 -14.44 -13.99
C ARG C 347 15.15 -13.70 -14.67
N TYR C 348 13.91 -13.90 -14.20
CA TYR C 348 12.76 -13.12 -14.67
C TYR C 348 12.79 -11.61 -14.42
N SER C 349 13.89 -11.06 -13.94
CA SER C 349 13.98 -9.62 -13.66
C SER C 349 13.02 -9.18 -12.56
N ALA C 350 13.08 -9.86 -11.43
CA ALA C 350 12.32 -9.48 -10.25
C ALA C 350 13.12 -9.97 -9.05
N PRO C 351 14.26 -9.33 -8.80
CA PRO C 351 15.17 -9.76 -7.76
C PRO C 351 14.81 -9.18 -6.40
N PRO C 352 15.21 -9.84 -5.32
CA PRO C 352 14.73 -9.49 -4.00
C PRO C 352 15.45 -8.29 -3.43
N GLY C 353 14.82 -7.62 -2.46
CA GLY C 353 15.52 -6.69 -1.58
C GLY C 353 16.34 -7.56 -0.64
N ASP C 354 15.76 -7.90 0.51
CA ASP C 354 16.35 -8.89 1.40
C ASP C 354 15.94 -10.27 0.88
N PRO C 355 16.90 -11.19 0.71
CA PRO C 355 16.49 -12.49 0.15
C PRO C 355 15.63 -13.25 1.14
N PRO C 356 14.65 -14.00 0.66
CA PRO C 356 13.66 -14.64 1.49
C PRO C 356 14.21 -15.82 2.26
N ARG C 357 13.42 -16.30 3.21
CA ARG C 357 13.80 -17.38 4.11
C ARG C 357 12.57 -18.17 4.51
N PRO C 358 12.70 -19.50 4.61
CA PRO C 358 11.55 -20.28 5.05
C PRO C 358 11.28 -20.11 6.54
N GLU C 359 10.00 -20.12 6.88
CA GLU C 359 9.58 -19.97 8.24
C GLU C 359 8.48 -20.96 8.52
N TYR C 360 8.35 -21.37 9.78
CA TYR C 360 7.38 -22.41 10.14
C TYR C 360 6.46 -21.92 11.25
N ASP C 361 6.29 -20.59 11.33
CA ASP C 361 5.50 -19.95 12.36
C ASP C 361 4.94 -18.71 11.74
N LEU C 362 3.63 -18.57 11.81
CA LEU C 362 2.95 -17.56 11.01
C LEU C 362 3.39 -16.17 11.35
N GLU C 363 3.73 -15.93 12.62
CA GLU C 363 4.06 -14.58 13.11
C GLU C 363 5.30 -13.97 12.46
N LEU C 364 6.17 -14.85 11.97
CA LEU C 364 7.48 -14.48 11.46
C LEU C 364 7.48 -14.12 9.99
N ILE C 365 6.31 -13.97 9.38
CA ILE C 365 6.20 -13.67 7.96
C ILE C 365 5.63 -12.28 7.80
N THR C 366 6.44 -11.33 7.33
CA THR C 366 5.94 -9.97 7.04
C THR C 366 5.72 -9.71 5.55
N SER C 367 4.56 -9.15 5.19
CA SER C 367 4.35 -8.59 3.84
C SER C 367 3.38 -7.43 3.88
N CYS C 368 3.55 -6.50 2.95
CA CYS C 368 2.88 -5.18 2.97
C CYS C 368 3.10 -4.49 4.32
N SER C 369 4.32 -4.61 4.84
CA SER C 369 4.73 -4.01 6.14
C SER C 369 3.92 -4.45 7.35
N SER C 370 3.33 -5.64 7.30
CA SER C 370 2.47 -6.11 8.37
C SER C 370 2.53 -7.61 8.52
N ASN C 371 1.93 -8.09 9.60
CA ASN C 371 1.99 -9.49 9.89
C ASN C 371 0.90 -9.89 10.84
N VAL C 372 0.67 -11.19 10.92
CA VAL C 372 -0.30 -11.74 11.82
C VAL C 372 0.32 -12.01 13.18
N SER C 373 -0.42 -11.70 14.22
CA SER C 373 0.00 -12.08 15.53
C SER C 373 -1.20 -12.61 16.23
N VAL C 374 -0.99 -13.01 17.46
CA VAL C 374 -2.03 -13.64 18.22
C VAL C 374 -2.02 -13.06 19.62
N ALA C 375 -3.21 -12.91 20.17
CA ALA C 375 -3.40 -12.71 21.58
C ALA C 375 -4.61 -13.52 22.07
N LEU C 376 -4.84 -13.49 23.38
CA LEU C 376 -6.02 -14.12 24.00
C LEU C 376 -7.17 -13.12 24.08
N GLY C 377 -8.38 -13.64 23.87
CA GLY C 377 -9.60 -12.83 23.95
C GLY C 377 -10.28 -12.95 25.30
N PRO C 378 -11.54 -12.46 25.39
CA PRO C 378 -12.23 -12.33 26.67
C PRO C 378 -12.39 -13.68 27.38
N ARG C 379 -12.83 -14.71 26.66
CA ARG C 379 -13.07 -16.04 27.24
C ARG C 379 -11.84 -16.97 27.25
N GLY C 380 -10.65 -16.47 26.90
CA GLY C 380 -9.41 -17.29 26.91
C GLY C 380 -9.05 -17.94 25.57
N ARG C 381 -9.85 -17.69 24.53
CA ARG C 381 -9.63 -18.22 23.18
C ARG C 381 -8.49 -17.45 22.45
N ARG C 382 -7.71 -18.12 21.58
CA ARG C 382 -6.65 -17.44 20.80
C ARG C 382 -7.32 -16.59 19.70
N ARG C 383 -6.99 -15.31 19.65
CA ARG C 383 -7.55 -14.40 18.66
C ARG C 383 -6.39 -13.89 17.79
N TYR C 384 -6.45 -14.16 16.49
CA TYR C 384 -5.40 -13.78 15.54
C TYR C 384 -5.78 -12.45 14.90
N TYR C 385 -4.80 -11.62 14.59
CA TYR C 385 -5.09 -10.28 14.10
C TYR C 385 -3.90 -9.73 13.33
N LEU C 386 -4.12 -8.61 12.65
CA LEU C 386 -3.07 -8.03 11.85
C LEU C 386 -2.45 -6.90 12.61
N THR C 387 -1.13 -6.78 12.52
CA THR C 387 -0.39 -5.72 13.18
C THR C 387 0.88 -5.35 12.42
N ARG C 388 1.72 -4.50 13.02
CA ARG C 388 2.92 -4.05 12.37
C ARG C 388 3.83 -3.33 13.32
N ASP C 389 5.05 -3.09 12.86
CA ASP C 389 5.96 -2.20 13.54
C ASP C 389 5.28 -0.84 13.61
N PRO C 390 5.23 -0.22 14.78
CA PRO C 390 4.60 1.06 14.94
C PRO C 390 5.46 2.26 14.64
N THR C 391 6.73 2.04 14.34
CA THR C 391 7.65 3.14 14.11
C THR C 391 7.06 4.18 13.16
N THR C 392 6.79 3.79 11.92
CA THR C 392 6.32 4.75 10.95
C THR C 392 4.99 5.40 11.35
N PRO C 393 4.00 4.61 11.79
CA PRO C 393 2.77 5.30 12.20
C PRO C 393 3.02 6.30 13.31
N LEU C 394 3.89 5.96 14.25
CA LEU C 394 4.24 6.90 15.33
C LEU C 394 4.95 8.14 14.77
N ALA C 395 5.93 7.92 13.90
CA ALA C 395 6.61 9.02 13.25
C ALA C 395 5.60 9.91 12.60
N ARG C 396 4.65 9.34 11.87
CA ARG C 396 3.66 10.15 11.15
C ARG C 396 2.70 10.85 12.09
N ALA C 397 2.51 10.25 13.26
CA ALA C 397 1.73 10.87 14.30
C ALA C 397 2.39 12.13 14.86
N ALA C 398 3.69 12.32 14.61
CA ALA C 398 4.40 13.53 15.05
C ALA C 398 4.76 14.42 13.89
N TRP C 399 4.15 14.21 12.75
CA TRP C 399 4.40 15.10 11.64
C TRP C 399 3.40 16.26 11.71
N GLU C 400 3.83 17.38 12.32
CA GLU C 400 3.03 18.64 12.40
C GLU C 400 3.76 19.75 11.70
N THR C 401 3.10 20.41 10.75
CA THR C 401 3.68 21.57 10.08
C THR C 401 2.67 22.70 9.97
N VAL C 402 3.11 23.83 9.44
CA VAL C 402 2.21 24.95 9.17
C VAL C 402 0.96 24.43 8.44
N ARG C 403 1.14 23.60 7.41
CA ARG C 403 0.05 23.21 6.53
C ARG C 403 -0.41 21.78 6.73
N HIS C 404 -0.08 21.12 7.84
CA HIS C 404 -0.50 19.72 8.04
C HIS C 404 -0.67 19.30 9.50
N SER C 405 -1.83 18.74 9.81
CA SER C 405 -2.08 18.15 11.11
C SER C 405 -2.15 16.64 10.99
N PRO C 406 -1.58 15.91 11.97
CA PRO C 406 -1.56 14.44 11.91
C PRO C 406 -2.77 13.75 12.56
N ILE C 407 -3.69 14.52 13.11
CA ILE C 407 -4.77 13.96 13.89
C ILE C 407 -5.51 12.91 13.08
N ASN C 408 -5.62 13.16 11.79
CA ASN C 408 -6.26 12.19 10.92
C ASN C 408 -5.56 10.86 10.89
N SER C 409 -4.22 10.86 10.83
CA SER C 409 -3.47 9.58 10.81
C SER C 409 -3.60 8.84 12.15
N TRP C 410 -3.68 9.58 13.24
CA TRP C 410 -4.00 8.97 14.53
C TRP C 410 -5.27 8.14 14.35
N LEU C 411 -6.30 8.78 13.82
CA LEU C 411 -7.58 8.11 13.64
C LEU C 411 -7.48 6.98 12.67
N GLY C 412 -6.86 7.21 11.52
CA GLY C 412 -6.72 6.18 10.50
C GLY C 412 -6.16 4.89 11.06
N ASN C 413 -5.09 5.03 11.84
CA ASN C 413 -4.41 3.89 12.45
C ASN C 413 -5.21 3.31 13.62
N ILE C 414 -5.88 4.15 14.39
CA ILE C 414 -6.72 3.67 15.48
C ILE C 414 -7.79 2.71 14.95
N ILE C 415 -8.36 3.05 13.80
CA ILE C 415 -9.38 2.21 13.19
C ILE C 415 -8.76 0.95 12.58
N GLN C 416 -7.79 1.13 11.70
CA GLN C 416 -7.16 -0.02 11.06
C GLN C 416 -6.52 -1.04 12.04
N TYR C 417 -5.95 -0.56 13.15
CA TYR C 417 -5.16 -1.41 14.03
C TYR C 417 -5.68 -1.42 15.45
N ALA C 418 -6.96 -1.07 15.58
CA ALA C 418 -7.68 -1.11 16.85
C ALA C 418 -7.37 -2.24 17.84
N PRO C 419 -7.05 -3.45 17.35
CA PRO C 419 -6.75 -4.50 18.35
C PRO C 419 -5.29 -4.55 18.77
N THR C 420 -4.43 -3.78 18.11
CA THR C 420 -3.02 -3.87 18.42
C THR C 420 -2.81 -3.16 19.74
N ILE C 421 -1.90 -3.71 20.53
CA ILE C 421 -1.60 -3.15 21.81
C ILE C 421 -1.16 -1.71 21.71
N TRP C 422 -0.37 -1.38 20.68
CA TRP C 422 0.13 -0.03 20.44
C TRP C 422 -0.93 1.00 20.05
N VAL C 423 -1.95 0.61 19.31
CA VAL C 423 -3.10 1.49 19.12
C VAL C 423 -3.82 1.67 20.43
N ARG C 424 -4.05 0.57 21.12
CA ARG C 424 -4.95 0.59 22.24
C ARG C 424 -4.39 1.39 23.40
N MET C 425 -3.13 1.13 23.71
CA MET C 425 -2.49 1.77 24.84
C MET C 425 -1.92 3.16 24.51
N VAL C 426 -1.34 3.31 23.33
CA VAL C 426 -0.66 4.54 23.00
C VAL C 426 -1.54 5.48 22.21
N LEU C 427 -1.91 5.09 21.01
CA LEU C 427 -2.54 6.04 20.09
C LEU C 427 -3.91 6.52 20.54
N MET C 428 -4.72 5.62 21.07
CA MET C 428 -6.05 5.99 21.51
C MET C 428 -5.91 6.95 22.67
N THR C 429 -5.11 6.56 23.65
CA THR C 429 -4.92 7.34 24.85
C THR C 429 -4.56 8.79 24.44
N HIS C 430 -3.59 8.91 23.55
CA HIS C 430 -3.15 10.22 23.10
C HIS C 430 -4.24 11.02 22.40
N PHE C 431 -4.86 10.37 21.42
CA PHE C 431 -5.93 10.95 20.59
C PHE C 431 -7.08 11.52 21.41
N PHE C 432 -7.54 10.74 22.38
CA PHE C 432 -8.67 11.16 23.20
C PHE C 432 -8.18 12.23 24.14
N SER C 433 -7.08 11.95 24.83
CA SER C 433 -6.49 12.98 25.67
C SER C 433 -6.45 14.33 24.95
N ILE C 434 -6.08 14.35 23.68
CA ILE C 434 -5.96 15.61 22.94
C ILE C 434 -7.30 16.27 22.74
N LEU C 435 -8.27 15.49 22.31
CA LEU C 435 -9.54 16.06 21.92
C LEU C 435 -10.35 16.50 23.14
N MET C 436 -10.31 15.74 24.23
CA MET C 436 -10.98 16.15 25.46
C MET C 436 -10.53 17.52 25.91
N VAL C 437 -9.23 17.75 25.89
CA VAL C 437 -8.61 19.04 26.23
C VAL C 437 -8.98 20.12 25.20
N GLN C 438 -8.80 19.85 23.90
CA GLN C 438 -9.29 20.76 22.86
C GLN C 438 -10.81 20.94 23.00
N ASP C 439 -11.48 19.94 23.57
CA ASP C 439 -12.94 19.90 23.73
C ASP C 439 -13.59 19.90 22.34
N THR C 440 -13.10 19.01 21.48
CA THR C 440 -13.53 18.94 20.08
C THR C 440 -13.88 17.49 19.71
N LEU C 441 -14.45 16.76 20.68
CA LEU C 441 -14.89 15.38 20.45
C LEU C 441 -15.98 15.27 19.38
N ASP C 442 -17.05 16.06 19.50
CA ASP C 442 -18.08 16.08 18.45
C ASP C 442 -17.43 16.19 17.05
N GLN C 443 -16.61 17.23 16.85
CA GLN C 443 -15.96 17.52 15.56
C GLN C 443 -15.63 16.28 14.72
N ASN C 444 -16.11 16.26 13.48
CA ASN C 444 -15.80 15.18 12.55
C ASN C 444 -14.42 15.34 11.97
N LEU C 445 -13.73 14.22 11.82
CA LEU C 445 -12.37 14.19 11.27
C LEU C 445 -12.33 13.21 10.14
N GLY C 446 -11.93 13.69 8.95
CA GLY C 446 -11.93 12.87 7.75
C GLY C 446 -13.23 12.10 7.66
N GLY C 447 -14.35 12.83 7.76
CA GLY C 447 -15.68 12.24 7.78
C GLY C 447 -15.83 11.02 8.67
N VAL C 448 -15.52 11.20 9.96
CA VAL C 448 -15.75 10.18 10.99
C VAL C 448 -15.98 10.89 12.32
N ASN C 449 -16.90 10.38 13.14
CA ASN C 449 -17.08 10.98 14.45
C ASN C 449 -16.42 10.16 15.55
N PRO C 450 -15.43 10.76 16.23
CA PRO C 450 -14.69 10.09 17.31
C PRO C 450 -15.55 9.29 18.25
N LEU C 451 -16.76 9.78 18.51
CA LEU C 451 -17.63 9.13 19.49
C LEU C 451 -18.30 7.85 18.96
N ASP C 452 -18.40 7.73 17.64
CA ASP C 452 -18.79 6.48 16.97
C ASP C 452 -17.81 5.34 17.24
N LEU C 453 -16.52 5.68 17.36
CA LEU C 453 -15.44 4.71 17.30
C LEU C 453 -15.78 3.31 17.80
N PRO C 454 -16.30 3.18 19.01
CA PRO C 454 -16.56 1.80 19.44
C PRO C 454 -17.39 1.01 18.41
N ALA C 455 -18.46 1.62 17.92
CA ALA C 455 -19.31 1.01 16.92
C ALA C 455 -18.51 0.65 15.70
N ILE C 456 -17.87 1.66 15.14
CA ILE C 456 -16.99 1.53 13.98
C ILE C 456 -16.03 0.37 14.15
N ILE C 457 -15.46 0.29 15.36
CA ILE C 457 -14.45 -0.70 15.64
C ILE C 457 -15.03 -2.08 15.76
N GLU C 458 -16.12 -2.23 16.51
CA GLU C 458 -16.77 -3.55 16.62
C GLU C 458 -17.33 -4.03 15.27
N ARG C 459 -17.82 -3.11 14.44
CA ARG C 459 -18.23 -3.47 13.09
C ARG C 459 -17.06 -4.11 12.37
N LEU C 460 -15.89 -3.52 12.48
CA LEU C 460 -14.78 -3.93 11.63
C LEU C 460 -13.90 -5.01 12.25
N HIS C 461 -13.79 -5.05 13.58
CA HIS C 461 -12.83 -5.95 14.24
C HIS C 461 -13.42 -6.93 15.22
N GLY C 462 -14.71 -6.85 15.49
CA GLY C 462 -15.30 -7.68 16.52
C GLY C 462 -15.08 -7.19 17.95
N LEU C 463 -16.15 -7.20 18.72
CA LEU C 463 -16.12 -6.89 20.14
C LEU C 463 -14.88 -7.42 20.91
N ASP C 464 -14.23 -8.45 20.37
CA ASP C 464 -12.99 -8.95 20.98
C ASP C 464 -11.85 -7.92 21.03
N ALA C 465 -11.85 -6.98 20.10
CA ALA C 465 -10.89 -5.90 20.08
C ALA C 465 -10.90 -5.01 21.34
N PHE C 466 -11.99 -5.06 22.11
CA PHE C 466 -12.03 -4.34 23.38
C PHE C 466 -11.58 -5.16 24.58
N SER C 467 -11.27 -6.44 24.37
CA SER C 467 -10.96 -7.32 25.49
C SER C 467 -9.66 -8.13 25.38
N MET C 468 -8.91 -7.95 24.31
CA MET C 468 -7.76 -8.81 24.09
C MET C 468 -6.63 -8.53 25.08
N HIS C 469 -6.01 -9.59 25.54
CA HIS C 469 -4.91 -9.47 26.49
C HIS C 469 -3.84 -10.52 26.17
N THR C 470 -2.72 -10.44 26.86
CA THR C 470 -1.62 -11.42 26.74
C THR C 470 -1.07 -11.42 25.31
N TYR C 471 -0.60 -10.26 24.88
CA TYR C 471 0.00 -10.10 23.56
C TYR C 471 1.36 -10.80 23.42
N SER C 472 1.77 -11.10 22.19
CA SER C 472 2.95 -11.93 21.98
C SER C 472 4.28 -11.26 22.41
N HIS C 473 5.26 -12.10 22.67
CA HIS C 473 6.58 -11.60 22.98
C HIS C 473 7.06 -10.67 21.89
N HIS C 474 6.97 -11.12 20.64
CA HIS C 474 7.40 -10.32 19.49
C HIS C 474 6.80 -8.93 19.50
N GLU C 475 5.51 -8.91 19.78
CA GLU C 475 4.73 -7.70 19.68
C GLU C 475 5.03 -6.75 20.81
N LEU C 476 5.17 -7.27 22.02
CA LEU C 476 5.58 -6.44 23.16
C LEU C 476 7.01 -5.91 22.98
N THR C 477 7.92 -6.78 22.58
CA THR C 477 9.27 -6.37 22.31
C THR C 477 9.28 -5.23 21.29
N ARG C 478 8.48 -5.36 20.24
CA ARG C 478 8.59 -4.45 19.11
C ARG C 478 7.96 -3.12 19.46
N VAL C 479 6.87 -3.17 20.22
CA VAL C 479 6.24 -1.96 20.67
C VAL C 479 7.18 -1.18 21.59
N ALA C 480 7.62 -1.84 22.65
CA ALA C 480 8.57 -1.26 23.61
C ALA C 480 9.73 -0.62 22.92
N SER C 481 10.30 -1.38 22.01
CA SER C 481 11.50 -0.94 21.36
C SER C 481 11.20 0.30 20.53
N ALA C 482 10.05 0.31 19.86
CA ALA C 482 9.66 1.45 19.02
C ALA C 482 9.46 2.75 19.80
N LEU C 483 8.90 2.65 21.01
CA LEU C 483 8.62 3.84 21.80
C LEU C 483 9.90 4.37 22.35
N ARG C 484 10.76 3.44 22.73
CA ARG C 484 12.08 3.77 23.20
C ARG C 484 12.85 4.47 22.06
N LYS C 485 12.76 3.94 20.84
CA LYS C 485 13.40 4.55 19.68
C LYS C 485 12.88 5.97 19.38
N LEU C 486 11.59 6.25 19.59
CA LEU C 486 11.07 7.59 19.34
C LEU C 486 11.01 8.48 20.58
N GLY C 487 11.49 7.98 21.70
CA GLY C 487 11.49 8.78 22.91
C GLY C 487 10.08 9.05 23.36
N ALA C 488 9.24 8.02 23.28
CA ALA C 488 7.91 8.14 23.80
C ALA C 488 7.89 7.47 25.15
N PRO C 489 6.83 7.71 25.94
CA PRO C 489 6.79 7.07 27.24
C PRO C 489 6.58 5.59 27.07
N PRO C 490 7.02 4.82 28.06
CA PRO C 490 6.76 3.39 27.99
C PRO C 490 5.31 3.04 28.34
N LEU C 491 4.97 1.79 28.08
CA LEU C 491 3.60 1.37 28.23
C LEU C 491 3.04 1.61 29.63
N ARG C 492 3.85 1.35 30.67
CA ARG C 492 3.42 1.61 32.05
C ARG C 492 2.85 3.02 32.22
N VAL C 493 3.49 3.99 31.59
CA VAL C 493 3.03 5.37 31.67
C VAL C 493 1.74 5.57 30.89
N TRP C 494 1.65 4.96 29.71
CA TRP C 494 0.41 5.07 28.94
C TRP C 494 -0.74 4.41 29.71
N LYS C 495 -0.43 3.34 30.46
CA LYS C 495 -1.42 2.74 31.36
C LYS C 495 -2.00 3.85 32.26
N SER C 496 -1.14 4.55 33.04
CA SER C 496 -1.61 5.66 33.91
C SER C 496 -2.46 6.64 33.13
N ARG C 497 -1.88 7.23 32.10
CA ARG C 497 -2.57 8.22 31.28
C ARG C 497 -3.94 7.78 30.77
N ALA C 498 -4.08 6.49 30.47
CA ALA C 498 -5.36 5.96 30.00
C ALA C 498 -6.41 5.94 31.14
N ARG C 499 -6.00 5.51 32.34
CA ARG C 499 -6.87 5.55 33.51
C ARG C 499 -7.47 6.93 33.66
N ALA C 500 -6.63 7.95 33.51
CA ALA C 500 -7.07 9.34 33.58
C ALA C 500 -8.00 9.69 32.44
N VAL C 501 -7.54 9.48 31.23
CA VAL C 501 -8.35 9.80 30.06
C VAL C 501 -9.72 9.17 30.25
N ARG C 502 -9.70 7.89 30.62
CA ARG C 502 -10.90 7.06 30.79
C ARG C 502 -11.90 7.66 31.76
N ALA C 503 -11.40 7.95 32.96
CA ALA C 503 -12.20 8.53 34.06
C ALA C 503 -12.89 9.78 33.58
N SER C 504 -12.14 10.69 32.98
CA SER C 504 -12.74 11.89 32.40
C SER C 504 -13.83 11.57 31.36
N LEU C 505 -13.58 10.63 30.46
CA LEU C 505 -14.55 10.25 29.43
C LEU C 505 -15.84 9.68 30.02
N ILE C 506 -15.69 8.86 31.06
CA ILE C 506 -16.81 8.19 31.72
C ILE C 506 -17.66 9.26 32.42
N SER C 507 -17.02 10.02 33.30
CA SER C 507 -17.65 11.14 33.98
C SER C 507 -18.17 12.22 33.01
N ARG C 508 -17.77 12.20 31.75
CA ARG C 508 -18.36 13.11 30.78
C ARG C 508 -19.78 12.69 30.39
N GLY C 509 -20.11 11.43 30.65
CA GLY C 509 -21.39 10.84 30.21
C GLY C 509 -21.59 10.80 28.69
N GLY C 510 -22.69 10.17 28.26
CA GLY C 510 -23.06 10.16 26.86
C GLY C 510 -22.26 9.14 26.11
N LYS C 511 -21.97 9.41 24.85
CA LYS C 511 -21.14 8.53 24.02
C LYS C 511 -19.68 8.53 24.52
N ALA C 512 -19.20 9.70 24.93
CA ALA C 512 -17.90 9.81 25.59
C ALA C 512 -17.72 8.67 26.58
N ALA C 513 -18.69 8.47 27.45
CA ALA C 513 -18.57 7.47 28.48
C ALA C 513 -18.58 6.08 27.85
N VAL C 514 -19.32 5.90 26.76
CA VAL C 514 -19.30 4.64 26.03
C VAL C 514 -17.86 4.36 25.59
N CYS C 515 -17.30 5.31 24.84
CA CYS C 515 -15.89 5.31 24.46
C CYS C 515 -14.98 4.99 25.65
N GLY C 516 -15.17 5.72 26.74
CA GLY C 516 -14.30 5.56 27.90
C GLY C 516 -14.31 4.16 28.45
N ARG C 517 -15.44 3.50 28.32
CA ARG C 517 -15.69 2.22 28.95
C ARG C 517 -15.20 1.07 28.08
N TYR C 518 -15.54 1.11 26.79
CA TYR C 518 -15.12 0.08 25.80
C TYR C 518 -13.63 0.20 25.42
N LEU C 519 -13.26 1.40 25.00
CA LEU C 519 -11.93 1.64 24.49
C LEU C 519 -10.88 1.54 25.56
N PHE C 520 -11.20 1.74 26.84
CA PHE C 520 -10.15 1.73 27.88
C PHE C 520 -10.34 0.72 29.00
N ASN C 521 -11.24 -0.21 28.78
CA ASN C 521 -11.46 -1.28 29.73
C ASN C 521 -10.18 -2.06 30.05
N TRP C 522 -9.29 -2.16 29.08
CA TRP C 522 -7.99 -2.76 29.33
C TRP C 522 -7.23 -2.07 30.45
N ALA C 523 -7.53 -0.79 30.70
CA ALA C 523 -6.76 0.04 31.63
C ALA C 523 -7.09 -0.15 33.11
N VAL C 524 -8.20 -0.86 33.41
CA VAL C 524 -8.64 -1.02 34.78
C VAL C 524 -8.47 -2.45 35.32
N LYS C 525 -8.22 -2.55 36.63
CA LYS C 525 -8.14 -3.84 37.34
C LYS C 525 -9.53 -4.48 37.44
N THR C 526 -10.57 -3.69 37.74
CA THR C 526 -11.96 -4.20 37.78
C THR C 526 -12.68 -4.01 36.43
N LYS C 527 -12.38 -4.91 35.49
CA LYS C 527 -12.87 -4.85 34.10
C LYS C 527 -14.35 -5.21 34.00
N LEU C 528 -15.12 -4.46 33.21
CA LEU C 528 -16.59 -4.62 33.12
C LEU C 528 -17.08 -5.68 32.12
N LYS C 529 -18.36 -6.01 32.21
CA LYS C 529 -19.00 -6.89 31.24
C LYS C 529 -19.35 -6.07 30.00
N LEU C 530 -18.62 -6.31 28.90
CA LEU C 530 -18.80 -5.52 27.67
C LEU C 530 -19.68 -6.22 26.63
N THR C 531 -20.90 -5.72 26.45
CA THR C 531 -21.90 -6.34 25.56
C THR C 531 -22.01 -5.59 24.22
N PRO C 532 -22.53 -6.26 23.16
CA PRO C 532 -22.56 -5.64 21.82
C PRO C 532 -23.36 -4.33 21.69
N LEU C 533 -23.21 -3.67 20.54
CA LEU C 533 -23.64 -2.30 20.38
C LEU C 533 -24.75 -2.14 19.35
N PRO C 534 -25.86 -1.51 19.75
CA PRO C 534 -26.95 -1.20 18.82
C PRO C 534 -26.40 -0.75 17.47
N GLU C 535 -25.54 0.28 17.52
CA GLU C 535 -25.14 1.04 16.34
C GLU C 535 -24.50 0.20 15.21
N ALA C 536 -23.89 -0.95 15.52
CA ALA C 536 -23.39 -1.88 14.49
C ALA C 536 -24.33 -3.07 14.23
MN MN D . 6.48 -4.01 -1.93
MN MN E . 9.40 -3.83 -3.53
MN MN F . -1.52 -4.65 -29.64
CL CL G . -12.22 -15.65 23.90
PB GDP H . 9.81 -0.64 -4.41
O1B GDP H . 9.69 -2.13 -4.69
O2B GDP H . 11.08 -0.15 -3.68
O3B GDP H . 9.57 0.24 -5.64
O3A GDP H . 8.57 -0.25 -3.43
PA GDP H . 7.39 -1.21 -2.86
O1A GDP H . 7.84 -2.65 -2.71
O2A GDP H . 6.75 -0.51 -1.70
O5' GDP H . 6.26 -1.16 -4.00
C5' GDP H . 6.34 -1.86 -5.25
C4' GDP H . 5.77 -1.01 -6.36
O4' GDP H . 4.46 -0.54 -6.04
C3' GDP H . 6.56 0.26 -6.68
O3' GDP H . 7.72 0.01 -7.49
C2' GDP H . 5.51 1.10 -7.37
O2' GDP H . 5.39 0.78 -8.77
C1' GDP H . 4.24 0.74 -6.62
N9 GDP H . 4.07 1.86 -5.65
C8 GDP H . 4.53 1.97 -4.39
N7 GDP H . 4.17 3.17 -3.87
C5 GDP H . 3.49 3.86 -4.83
C6 GDP H . 2.82 5.18 -4.99
O6 GDP H . 2.80 6.05 -4.09
N1 GDP H . 2.22 5.46 -6.15
C2 GDP H . 2.20 4.60 -7.17
N2 GDP H . 1.59 4.95 -8.33
N3 GDP H . 2.79 3.39 -7.10
C4 GDP H . 3.43 2.98 -5.98
#